data_8A0N
#
_entry.id   8A0N
#
_cell.length_a   43.008
_cell.length_b   63.267
_cell.length_c   76.523
_cell.angle_alpha   90.000
_cell.angle_beta   90.000
_cell.angle_gamma   90.000
#
_symmetry.space_group_name_H-M   'P 21 21 21'
#
loop_
_entity.id
_entity.type
_entity.pdbx_description
1 polymer 'Dihydrofolate reductase'
2 non-polymer 'NADPH DIHYDRO-NICOTINAMIDE-ADENINE-DINUCLEOTIDE PHOSPHATE'
3 non-polymer 1,2-ETHANEDIOL
4 non-polymer 'NITRATE ION'
5 water water
#
_entity_poly.entity_id   1
_entity_poly.type   'polypeptide(L)'
_entity_poly.pdbx_seq_one_letter_code
;GLVPRGSHMMSTRPKISLIVAALQPSMGIGAKGSLPWRLKNEMKYFKDVTSKAKDGHINAVVMGRKTWELIPERFRPLAG
RLNVILSRKNDDLIDSNGVYHFSSFDSVMKHLEKDSFRFKDMPLDKIFIIGGSQIYNLLILDSRVDNLLVTQVHFVGEDA
DKPQMDTFLDWDLSKWKRLEHDKLEQYVGLDVPRGLNEEGSYNYEYTMWEKAQ
;
_entity_poly.pdbx_strand_id   B
#
loop_
_chem_comp.id
_chem_comp.type
_chem_comp.name
_chem_comp.formula
EDO non-polymer 1,2-ETHANEDIOL 'C2 H6 O2'
NDP non-polymer 'NADPH DIHYDRO-NICOTINAMIDE-ADENINE-DINUCLEOTIDE PHOSPHATE' 'C21 H30 N7 O17 P3'
NO3 non-polymer 'NITRATE ION' 'N O3 -1'
#
# COMPACT_ATOMS: atom_id res chain seq x y z
N GLY A 1 -1.59 -24.03 -8.20
CA GLY A 1 -2.75 -23.94 -9.08
C GLY A 1 -3.69 -25.11 -8.91
N LEU A 2 -4.46 -25.41 -9.97
CA LEU A 2 -5.35 -26.55 -9.94
C LEU A 2 -4.58 -27.86 -9.77
N VAL A 3 -5.19 -28.83 -9.11
CA VAL A 3 -4.59 -30.14 -8.94
C VAL A 3 -5.57 -31.21 -9.40
N PRO A 4 -5.06 -32.38 -9.77
CA PRO A 4 -5.94 -33.49 -10.17
C PRO A 4 -7.05 -33.79 -9.17
N ARG A 5 -6.79 -33.57 -7.88
CA ARG A 5 -7.78 -33.83 -6.84
C ARG A 5 -9.04 -32.99 -6.99
N GLY A 6 -8.95 -31.83 -7.65
CA GLY A 6 -10.09 -30.95 -7.79
C GLY A 6 -10.44 -30.17 -6.55
N SER A 7 -9.55 -30.12 -5.57
CA SER A 7 -9.82 -29.53 -4.27
C SER A 7 -9.41 -28.06 -4.16
N HIS A 8 -8.61 -27.56 -5.10
CA HIS A 8 -8.00 -26.24 -4.98
C HIS A 8 -8.40 -25.33 -6.13
N MET A 9 -8.70 -24.10 -5.77
CA MET A 9 -8.86 -23.06 -6.75
C MET A 9 -7.50 -22.72 -7.36
N MET A 10 -7.55 -22.07 -8.53
CA MET A 10 -6.35 -21.80 -9.30
C MET A 10 -5.40 -20.87 -8.55
N SER A 11 -5.96 -19.89 -7.81
CA SER A 11 -5.15 -19.04 -6.97
C SER A 11 -5.97 -18.65 -5.74
N THR A 12 -5.27 -18.29 -4.68
CA THR A 12 -5.94 -17.77 -3.50
C THR A 12 -6.44 -16.35 -3.77
N ARG A 13 -7.52 -15.99 -3.09
CA ARG A 13 -8.07 -14.66 -3.27
C ARG A 13 -7.08 -13.64 -2.69
N PRO A 14 -6.79 -12.54 -3.39
CA PRO A 14 -5.66 -11.68 -2.99
C PRO A 14 -5.91 -10.96 -1.67
N LYS A 15 -4.85 -10.84 -0.88
CA LYS A 15 -4.87 -10.04 0.34
C LYS A 15 -4.73 -8.57 -0.02
N ILE A 16 -5.40 -7.73 0.76
CA ILE A 16 -5.39 -6.28 0.56
C ILE A 16 -4.64 -5.62 1.71
N SER A 17 -3.59 -4.88 1.36
CA SER A 17 -2.74 -4.17 2.32
C SER A 17 -2.87 -2.67 2.07
N LEU A 18 -2.90 -1.88 3.13
CA LEU A 18 -2.68 -0.45 3.04
C LEU A 18 -1.25 -0.17 3.49
N ILE A 19 -0.44 0.41 2.62
CA ILE A 19 0.98 0.66 2.87
C ILE A 19 1.20 2.17 2.96
N VAL A 20 1.78 2.62 4.08
CA VAL A 20 1.80 4.03 4.42
C VAL A 20 2.93 4.30 5.40
N ALA A 21 3.44 5.53 5.39
CA ALA A 21 4.37 6.00 6.41
C ALA A 21 3.66 7.05 7.26
N ALA A 22 3.73 6.91 8.59
CA ALA A 22 3.03 7.80 9.52
C ALA A 22 3.96 8.31 10.59
N LEU A 23 3.88 9.62 10.84
CA LEU A 23 4.71 10.29 11.85
C LEU A 23 4.18 10.05 13.27
N GLN A 24 5.09 9.75 14.19
N GLN A 24 5.10 9.79 14.18
CA GLN A 24 4.75 9.57 15.60
CA GLN A 24 4.75 9.60 15.58
C GLN A 24 4.69 10.93 16.29
C GLN A 24 4.67 10.96 16.27
N PRO A 25 3.77 11.13 17.25
CA PRO A 25 2.79 10.20 17.82
C PRO A 25 1.40 10.25 17.23
N SER A 26 1.08 11.26 16.42
CA SER A 26 -0.30 11.53 16.05
C SER A 26 -0.68 11.05 14.66
N MET A 27 0.19 10.28 14.01
CA MET A 27 -0.12 9.59 12.76
C MET A 27 -0.20 10.55 11.58
N GLY A 28 0.65 11.57 11.56
CA GLY A 28 0.66 12.50 10.44
C GLY A 28 1.11 11.82 9.16
N ILE A 29 0.37 12.04 8.08
CA ILE A 29 0.66 11.43 6.78
C ILE A 29 0.85 12.44 5.65
N GLY A 30 0.62 13.72 5.89
CA GLY A 30 0.88 14.71 4.86
C GLY A 30 1.03 16.08 5.47
N ALA A 31 1.72 16.95 4.73
CA ALA A 31 1.84 18.34 5.13
C ALA A 31 1.94 19.18 3.86
N LYS A 32 1.02 20.13 3.70
CA LYS A 32 1.06 21.07 2.59
C LYS A 32 1.07 20.36 1.23
N GLY A 33 0.31 19.27 1.14
CA GLY A 33 0.19 18.54 -0.11
C GLY A 33 1.38 17.67 -0.46
N SER A 34 2.35 17.54 0.44
CA SER A 34 3.55 16.76 0.18
C SER A 34 3.90 16.02 1.46
N LEU A 35 5.15 15.58 1.57
CA LEU A 35 5.52 14.89 2.76
C LEU A 35 6.88 15.47 3.17
N PRO A 36 7.10 15.74 4.46
CA PRO A 36 8.32 16.48 4.86
C PRO A 36 9.57 15.65 4.92
N TRP A 37 9.47 14.33 4.90
CA TRP A 37 10.62 13.45 4.90
C TRP A 37 10.78 12.81 3.53
N ARG A 38 12.03 12.53 3.18
CA ARG A 38 12.37 11.91 1.91
C ARG A 38 13.37 10.83 2.27
N LEU A 39 12.90 9.60 2.41
CA LEU A 39 13.69 8.50 2.98
C LEU A 39 14.03 7.50 1.88
N LYS A 40 15.29 7.49 1.47
CA LYS A 40 15.64 6.72 0.27
C LYS A 40 15.44 5.23 0.46
N ASN A 41 15.83 4.66 1.61
CA ASN A 41 15.67 3.23 1.80
C ASN A 41 14.20 2.85 2.00
N GLU A 42 13.39 3.76 2.55
CA GLU A 42 11.96 3.50 2.70
C GLU A 42 11.26 3.47 1.35
N MET A 43 11.64 4.37 0.45
CA MET A 43 11.10 4.34 -0.90
C MET A 43 11.49 3.05 -1.62
N LYS A 44 12.71 2.55 -1.36
CA LYS A 44 13.12 1.27 -1.93
C LYS A 44 12.30 0.11 -1.34
N TYR A 45 12.04 0.15 -0.03
CA TYR A 45 11.16 -0.83 0.59
C TYR A 45 9.80 -0.83 -0.08
N PHE A 46 9.23 0.35 -0.31
CA PHE A 46 7.94 0.41 -0.99
C PHE A 46 8.01 -0.27 -2.36
N LYS A 47 9.03 0.06 -3.15
CA LYS A 47 9.18 -0.57 -4.46
C LYS A 47 9.31 -2.08 -4.32
N ASP A 48 10.20 -2.54 -3.43
CA ASP A 48 10.44 -3.98 -3.31
C ASP A 48 9.19 -4.72 -2.82
N VAL A 49 8.49 -4.17 -1.82
CA VAL A 49 7.31 -4.82 -1.27
C VAL A 49 6.18 -4.87 -2.31
N THR A 50 5.85 -3.72 -2.92
CA THR A 50 4.74 -3.72 -3.85
C THR A 50 5.03 -4.52 -5.11
N SER A 51 6.29 -4.74 -5.44
CA SER A 51 6.65 -5.51 -6.63
C SER A 51 6.77 -7.00 -6.38
N LYS A 52 7.00 -7.44 -5.14
CA LYS A 52 7.27 -8.84 -4.83
C LYS A 52 5.98 -9.64 -4.78
N ALA A 53 5.83 -10.56 -5.73
CA ALA A 53 4.67 -11.41 -5.81
C ALA A 53 5.14 -12.85 -5.91
N LYS A 54 4.30 -13.76 -5.45
CA LYS A 54 4.67 -15.16 -5.56
C LYS A 54 4.71 -15.58 -7.03
N ASP A 55 5.42 -16.68 -7.28
CA ASP A 55 5.73 -17.10 -8.64
C ASP A 55 4.48 -17.14 -9.51
N GLY A 56 4.59 -16.58 -10.71
CA GLY A 56 3.49 -16.56 -11.65
C GLY A 56 2.41 -15.55 -11.38
N HIS A 57 2.52 -14.76 -10.31
CA HIS A 57 1.51 -13.78 -9.92
C HIS A 57 2.05 -12.38 -10.10
N ILE A 58 1.13 -11.41 -9.99
CA ILE A 58 1.46 -10.00 -10.00
C ILE A 58 0.69 -9.33 -8.88
N ASN A 59 1.20 -8.19 -8.41
CA ASN A 59 0.49 -7.39 -7.43
C ASN A 59 -0.17 -6.20 -8.09
N ALA A 60 -1.14 -5.62 -7.39
CA ALA A 60 -1.78 -4.39 -7.80
C ALA A 60 -1.44 -3.26 -6.85
N VAL A 61 -1.37 -2.04 -7.39
CA VAL A 61 -1.28 -0.82 -6.59
C VAL A 61 -2.47 0.06 -6.92
N VAL A 62 -3.17 0.52 -5.89
CA VAL A 62 -4.38 1.30 -5.99
C VAL A 62 -4.10 2.67 -5.39
N MET A 63 -4.38 3.72 -6.15
CA MET A 63 -4.02 5.09 -5.73
C MET A 63 -5.07 6.09 -6.19
N GLY A 64 -5.19 7.17 -5.43
CA GLY A 64 -6.01 8.28 -5.85
C GLY A 64 -5.43 9.06 -7.02
N ARG A 65 -6.32 9.79 -7.70
CA ARG A 65 -5.91 10.56 -8.87
C ARG A 65 -4.76 11.51 -8.57
N LYS A 66 -4.80 12.22 -7.44
CA LYS A 66 -3.74 13.18 -7.16
C LYS A 66 -2.38 12.54 -6.97
N THR A 67 -2.35 11.33 -6.43
CA THR A 67 -1.07 10.64 -6.26
C THR A 67 -0.53 10.16 -7.61
N TRP A 68 -1.42 9.66 -8.48
CA TRP A 68 -1.00 9.30 -9.83
C TRP A 68 -0.34 10.49 -10.52
N GLU A 69 -0.90 11.70 -10.32
CA GLU A 69 -0.35 12.91 -10.91
C GLU A 69 1.05 13.26 -10.40
N LEU A 70 1.45 12.74 -9.24
CA LEU A 70 2.78 13.01 -8.72
C LEU A 70 3.80 11.93 -9.03
N ILE A 71 3.44 10.91 -9.80
CA ILE A 71 4.43 9.94 -10.24
C ILE A 71 5.03 10.49 -11.54
N PRO A 72 6.35 10.62 -11.66
CA PRO A 72 6.93 11.14 -12.89
C PRO A 72 6.46 10.34 -14.10
N GLU A 73 6.15 11.07 -15.19
CA GLU A 73 5.55 10.45 -16.37
C GLU A 73 6.33 9.21 -16.83
N ARG A 74 7.66 9.28 -16.81
CA ARG A 74 8.44 8.16 -17.32
C ARG A 74 8.38 6.94 -16.42
N PHE A 75 7.91 7.09 -15.20
CA PHE A 75 7.80 5.99 -14.26
C PHE A 75 6.37 5.46 -14.14
N ARG A 76 5.42 6.02 -14.92
CA ARG A 76 4.03 5.58 -14.96
C ARG A 76 3.76 4.71 -16.17
N PRO A 77 3.01 3.62 -16.01
CA PRO A 77 2.53 3.06 -14.75
C PRO A 77 3.70 2.44 -14.00
N LEU A 78 3.57 2.33 -12.69
CA LEU A 78 4.61 1.73 -11.89
C LEU A 78 4.90 0.33 -12.39
N ALA A 79 6.15 0.08 -12.77
CA ALA A 79 6.48 -1.10 -13.55
C ALA A 79 6.27 -2.38 -12.75
N GLY A 80 5.82 -3.42 -13.45
CA GLY A 80 5.70 -4.73 -12.84
C GLY A 80 4.50 -4.90 -11.93
N ARG A 81 3.57 -3.95 -11.94
CA ARG A 81 2.40 -3.96 -11.07
C ARG A 81 1.17 -3.53 -11.86
N LEU A 82 0.04 -4.15 -11.56
CA LEU A 82 -1.26 -3.61 -11.95
C LEU A 82 -1.56 -2.27 -11.30
N ASN A 83 -1.62 -1.19 -12.07
CA ASN A 83 -1.92 0.15 -11.57
C ASN A 83 -3.41 0.45 -11.69
N VAL A 84 -4.01 0.89 -10.58
CA VAL A 84 -5.39 1.31 -10.51
C VAL A 84 -5.43 2.75 -10.01
N ILE A 85 -6.09 3.63 -10.75
CA ILE A 85 -6.26 5.04 -10.38
C ILE A 85 -7.74 5.29 -10.09
N LEU A 86 -8.02 5.88 -8.94
CA LEU A 86 -9.38 6.18 -8.51
C LEU A 86 -9.70 7.65 -8.70
N SER A 87 -10.75 7.92 -9.45
CA SER A 87 -11.34 9.25 -9.59
C SER A 87 -12.81 9.05 -9.88
N ARG A 88 -13.67 9.81 -9.19
CA ARG A 88 -15.10 9.65 -9.40
C ARG A 88 -15.53 10.05 -10.80
N LYS A 89 -14.68 10.76 -11.54
CA LYS A 89 -14.92 11.14 -12.94
C LYS A 89 -14.39 10.12 -13.93
N ASN A 90 -13.76 9.05 -13.45
CA ASN A 90 -13.26 8.00 -14.35
C ASN A 90 -14.41 7.16 -14.89
N ASP A 91 -14.14 6.53 -16.04
CA ASP A 91 -15.18 5.83 -16.77
C ASP A 91 -15.02 4.30 -16.73
N ASP A 92 -14.26 3.79 -15.76
CA ASP A 92 -14.07 2.35 -15.56
C ASP A 92 -13.50 1.72 -16.83
N LEU A 93 -12.34 2.22 -17.24
CA LEU A 93 -11.67 1.78 -18.46
C LEU A 93 -10.31 1.16 -18.13
N ILE A 94 -9.89 0.22 -18.96
CA ILE A 94 -8.59 -0.42 -18.89
C ILE A 94 -7.87 -0.06 -20.18
N ASP A 95 -6.72 0.62 -20.08
CA ASP A 95 -6.26 1.31 -21.27
C ASP A 95 -5.24 0.43 -21.98
N SER A 96 -4.57 1.02 -22.98
CA SER A 96 -3.68 0.27 -23.84
C SER A 96 -2.45 -0.27 -23.13
N ASN A 97 -2.11 0.26 -21.95
CA ASN A 97 -1.01 -0.29 -21.18
C ASN A 97 -1.48 -1.10 -19.99
N GLY A 98 -2.77 -1.45 -19.94
CA GLY A 98 -3.32 -2.21 -18.84
C GLY A 98 -3.58 -1.41 -17.59
N VAL A 99 -3.70 -0.10 -17.68
CA VAL A 99 -3.94 0.74 -16.51
C VAL A 99 -5.44 0.88 -16.31
N TYR A 100 -5.90 0.60 -15.08
CA TYR A 100 -7.29 0.66 -14.67
C TYR A 100 -7.63 2.06 -14.17
N HIS A 101 -8.48 2.77 -14.91
CA HIS A 101 -8.95 4.09 -14.52
C HIS A 101 -10.40 3.90 -14.08
N PHE A 102 -10.60 3.70 -12.78
CA PHE A 102 -11.89 3.33 -12.23
C PHE A 102 -12.44 4.40 -11.30
N SER A 103 -13.76 4.36 -11.13
CA SER A 103 -14.45 5.42 -10.41
C SER A 103 -14.55 5.17 -8.92
N SER A 104 -14.31 3.95 -8.45
CA SER A 104 -14.36 3.67 -7.02
C SER A 104 -13.64 2.36 -6.75
N PHE A 105 -13.24 2.17 -5.48
CA PHE A 105 -12.66 0.90 -5.09
C PHE A 105 -13.68 -0.22 -5.27
N ASP A 106 -14.95 0.07 -5.01
CA ASP A 106 -16.00 -0.92 -5.20
C ASP A 106 -16.06 -1.38 -6.65
N SER A 107 -16.02 -0.44 -7.58
CA SER A 107 -16.15 -0.80 -8.99
CA SER A 107 -16.16 -0.82 -8.98
C SER A 107 -14.95 -1.62 -9.47
N VAL A 108 -13.76 -1.28 -9.00
CA VAL A 108 -12.61 -2.06 -9.48
C VAL A 108 -12.60 -3.44 -8.83
N MET A 109 -13.04 -3.53 -7.56
CA MET A 109 -13.08 -4.83 -6.91
C MET A 109 -14.13 -5.72 -7.55
N LYS A 110 -15.26 -5.14 -7.94
CA LYS A 110 -16.29 -5.90 -8.65
C LYS A 110 -15.75 -6.43 -9.97
N HIS A 111 -15.02 -5.58 -10.69
CA HIS A 111 -14.47 -6.01 -11.97
C HIS A 111 -13.42 -7.10 -11.78
N LEU A 112 -12.51 -6.91 -10.83
CA LEU A 112 -11.46 -7.90 -10.60
C LEU A 112 -12.06 -9.24 -10.22
N GLU A 113 -13.11 -9.22 -9.39
CA GLU A 113 -13.77 -10.46 -8.99
C GLU A 113 -14.40 -11.15 -10.20
N LYS A 114 -15.06 -10.38 -11.07
CA LYS A 114 -15.60 -10.93 -12.31
C LYS A 114 -14.51 -11.62 -13.14
N ASP A 115 -13.29 -11.07 -13.12
CA ASP A 115 -12.17 -11.63 -13.87
C ASP A 115 -11.39 -12.67 -13.06
N SER A 116 -11.97 -13.20 -11.99
CA SER A 116 -11.31 -14.20 -11.15
C SER A 116 -9.99 -13.69 -10.59
N PHE A 117 -9.91 -12.38 -10.37
CA PHE A 117 -8.72 -11.73 -9.82
C PHE A 117 -7.47 -12.01 -10.66
N ARG A 118 -7.63 -11.90 -11.98
CA ARG A 118 -6.55 -12.17 -12.92
C ARG A 118 -6.36 -10.95 -13.81
N PHE A 119 -5.12 -10.77 -14.29
CA PHE A 119 -4.68 -9.65 -15.11
C PHE A 119 -3.60 -10.10 -16.08
N LYS A 120 -3.78 -9.84 -17.37
CA LYS A 120 -2.80 -10.23 -18.39
C LYS A 120 -2.38 -11.70 -18.24
N ASP A 121 -3.39 -12.49 -17.84
CA ASP A 121 -3.30 -13.94 -17.67
C ASP A 121 -2.28 -14.29 -16.59
N MET A 122 -2.23 -13.41 -15.57
CA MET A 122 -1.53 -13.57 -14.29
C MET A 122 -2.53 -13.42 -13.15
N PRO A 123 -2.56 -14.34 -12.21
CA PRO A 123 -3.35 -14.13 -10.99
C PRO A 123 -2.72 -13.04 -10.12
N LEU A 124 -3.57 -12.31 -9.41
CA LEU A 124 -3.11 -11.33 -8.45
C LEU A 124 -2.68 -12.00 -7.15
N ASP A 125 -1.57 -11.53 -6.58
CA ASP A 125 -1.12 -11.97 -5.25
C ASP A 125 -1.66 -11.01 -4.19
N LYS A 126 -1.13 -9.79 -4.15
CA LYS A 126 -1.52 -8.78 -3.18
C LYS A 126 -2.04 -7.53 -3.91
N ILE A 127 -2.99 -6.86 -3.27
CA ILE A 127 -3.49 -5.56 -3.70
C ILE A 127 -3.05 -4.55 -2.64
N PHE A 128 -2.27 -3.55 -3.03
CA PHE A 128 -1.78 -2.54 -2.11
C PHE A 128 -2.49 -1.21 -2.35
N ILE A 129 -3.05 -0.64 -1.28
CA ILE A 129 -3.54 0.74 -1.32
C ILE A 129 -2.36 1.65 -0.99
N ILE A 130 -2.00 2.53 -1.92
CA ILE A 130 -0.75 3.29 -1.83
C ILE A 130 -0.94 4.79 -1.60
N GLY A 131 -2.16 5.24 -1.34
CA GLY A 131 -2.41 6.64 -1.04
C GLY A 131 -3.19 7.33 -2.14
N GLY A 132 -3.32 8.65 -2.04
CA GLY A 132 -2.77 9.48 -0.98
C GLY A 132 -3.73 9.58 0.20
N SER A 133 -3.67 10.71 0.91
CA SER A 133 -4.39 10.82 2.19
C SER A 133 -5.89 10.60 2.06
N GLN A 134 -6.52 11.18 1.03
CA GLN A 134 -7.97 10.99 0.91
C GLN A 134 -8.30 9.51 0.70
N ILE A 135 -7.56 8.83 -0.19
CA ILE A 135 -7.84 7.43 -0.45
C ILE A 135 -7.51 6.57 0.78
N TYR A 136 -6.41 6.88 1.47
CA TYR A 136 -6.08 6.16 2.70
C TYR A 136 -7.21 6.26 3.71
N ASN A 137 -7.72 7.48 3.92
CA ASN A 137 -8.72 7.69 4.96
C ASN A 137 -10.09 7.17 4.57
N LEU A 138 -10.33 6.97 3.28
CA LEU A 138 -11.54 6.26 2.88
C LEU A 138 -11.37 4.76 3.07
N LEU A 139 -10.28 4.19 2.54
CA LEU A 139 -10.16 2.74 2.48
C LEU A 139 -9.69 2.10 3.79
N ILE A 140 -9.07 2.85 4.70
CA ILE A 140 -8.73 2.26 5.99
C ILE A 140 -9.97 1.78 6.76
N LEU A 141 -11.13 2.34 6.45
CA LEU A 141 -12.39 1.93 7.05
C LEU A 141 -13.06 0.78 6.32
N ASP A 142 -12.52 0.35 5.19
CA ASP A 142 -13.16 -0.69 4.37
C ASP A 142 -12.84 -2.06 4.95
N SER A 143 -13.89 -2.86 5.21
CA SER A 143 -13.71 -4.17 5.83
C SER A 143 -12.86 -5.12 5.00
N ARG A 144 -12.66 -4.84 3.71
CA ARG A 144 -11.86 -5.71 2.88
C ARG A 144 -10.35 -5.57 3.11
N VAL A 145 -9.91 -4.49 3.76
CA VAL A 145 -8.49 -4.32 4.04
C VAL A 145 -8.08 -5.33 5.10
N ASP A 146 -7.11 -6.17 4.76
CA ASP A 146 -6.69 -7.25 5.65
C ASP A 146 -5.56 -6.84 6.59
N ASN A 147 -4.69 -5.94 6.16
CA ASN A 147 -3.54 -5.59 6.98
C ASN A 147 -3.06 -4.19 6.63
N LEU A 148 -2.31 -3.60 7.55
CA LEU A 148 -1.62 -2.33 7.34
C LEU A 148 -0.12 -2.58 7.39
N LEU A 149 0.59 -2.01 6.43
CA LEU A 149 2.05 -2.02 6.42
C LEU A 149 2.44 -0.57 6.71
N VAL A 150 2.73 -0.29 7.99
CA VAL A 150 2.96 1.07 8.45
C VAL A 150 4.44 1.27 8.72
N THR A 151 5.05 2.22 8.05
CA THR A 151 6.37 2.66 8.43
C THR A 151 6.18 3.71 9.52
N GLN A 152 6.62 3.38 10.74
CA GLN A 152 6.51 4.30 11.86
C GLN A 152 7.69 5.26 11.80
N VAL A 153 7.42 6.53 11.54
CA VAL A 153 8.46 7.55 11.31
C VAL A 153 8.59 8.40 12.55
N HIS A 154 9.82 8.58 13.03
CA HIS A 154 10.11 9.40 14.19
C HIS A 154 11.00 10.57 13.77
N PHE A 155 10.61 11.79 14.12
CA PHE A 155 11.48 12.93 13.96
C PHE A 155 12.43 12.98 15.15
N VAL A 156 13.74 13.05 14.89
CA VAL A 156 14.74 13.01 15.95
C VAL A 156 15.61 14.27 15.99
N GLY A 157 15.22 15.32 15.29
CA GLY A 157 15.82 16.62 15.47
C GLY A 157 15.28 17.30 16.72
N GLU A 158 15.57 18.60 16.83
CA GLU A 158 15.09 19.35 17.98
C GLU A 158 13.58 19.54 17.91
N ASP A 159 12.93 19.55 19.08
CA ASP A 159 11.47 19.60 19.16
C ASP A 159 10.89 20.72 18.31
N ALA A 160 11.50 21.92 18.36
CA ALA A 160 10.94 23.07 17.66
C ALA A 160 11.00 22.93 16.14
N ASP A 161 11.82 22.02 15.61
CA ASP A 161 11.98 21.84 14.17
C ASP A 161 11.12 20.72 13.61
N LYS A 162 10.32 20.06 14.43
CA LYS A 162 9.48 18.98 13.93
C LYS A 162 8.48 19.52 12.92
N PRO A 163 8.31 18.87 11.77
CA PRO A 163 7.33 19.37 10.79
C PRO A 163 5.93 19.38 11.38
N GLN A 164 5.16 20.40 11.03
CA GLN A 164 3.76 20.48 11.40
C GLN A 164 2.93 19.78 10.33
N MET A 165 2.41 18.60 10.67
CA MET A 165 1.55 17.87 9.75
C MET A 165 0.13 18.45 9.77
N ASP A 166 -0.56 18.29 8.65
CA ASP A 166 -1.93 18.78 8.54
C ASP A 166 -2.92 17.74 8.05
N THR A 167 -2.46 16.55 7.72
CA THR A 167 -3.34 15.43 7.40
CA THR A 167 -3.33 15.43 7.40
C THR A 167 -2.84 14.20 8.15
N PHE A 168 -3.79 13.43 8.68
CA PHE A 168 -3.51 12.37 9.64
C PHE A 168 -4.30 11.12 9.25
N LEU A 169 -3.72 9.95 9.54
CA LEU A 169 -4.37 8.69 9.21
C LEU A 169 -5.51 8.41 10.18
N ASP A 170 -6.69 8.11 9.65
CA ASP A 170 -7.87 7.81 10.47
C ASP A 170 -7.79 6.36 10.95
N TRP A 171 -6.85 6.14 11.86
CA TRP A 171 -6.44 4.82 12.31
C TRP A 171 -6.85 4.65 13.77
N ASP A 172 -7.85 3.78 13.97
CA ASP A 172 -8.37 3.41 15.28
C ASP A 172 -7.58 2.20 15.75
N LEU A 173 -6.72 2.39 16.75
CA LEU A 173 -5.81 1.32 17.15
C LEU A 173 -6.54 0.16 17.81
N SER A 174 -7.75 0.40 18.34
CA SER A 174 -8.54 -0.68 18.92
C SER A 174 -8.97 -1.72 17.89
N LYS A 175 -8.91 -1.39 16.60
CA LYS A 175 -9.31 -2.32 15.55
C LYS A 175 -8.14 -3.09 14.95
N TRP A 176 -6.91 -2.84 15.41
CA TRP A 176 -5.73 -3.40 14.78
C TRP A 176 -4.77 -3.90 15.85
N LYS A 177 -3.92 -4.83 15.43
CA LYS A 177 -2.96 -5.49 16.30
C LYS A 177 -1.64 -5.65 15.57
N ARG A 178 -0.56 -5.20 16.19
CA ARG A 178 0.75 -5.30 15.56
C ARG A 178 1.25 -6.73 15.60
N LEU A 179 1.78 -7.20 14.48
CA LEU A 179 2.39 -8.52 14.37
C LEU A 179 3.89 -8.43 14.59
N GLU A 180 4.49 -9.58 14.87
CA GLU A 180 5.93 -9.67 15.01
C GLU A 180 6.62 -9.60 13.64
N HIS A 181 7.92 -9.30 13.69
CA HIS A 181 8.71 -9.06 12.49
C HIS A 181 8.69 -10.24 11.53
N ASP A 182 8.77 -11.47 12.05
CA ASP A 182 8.75 -12.62 11.16
C ASP A 182 7.48 -12.67 10.32
N LYS A 183 6.33 -12.25 10.87
CA LYS A 183 5.11 -12.22 10.08
CA LYS A 183 5.11 -12.22 10.08
C LYS A 183 5.19 -11.18 8.98
N LEU A 184 5.79 -10.04 9.26
CA LEU A 184 5.98 -9.04 8.22
CA LEU A 184 6.01 -9.03 8.23
C LEU A 184 6.82 -9.60 7.09
N GLU A 185 7.96 -10.23 7.40
CA GLU A 185 8.83 -10.74 6.35
C GLU A 185 8.15 -11.85 5.57
N GLN A 186 7.41 -12.72 6.25
CA GLN A 186 6.70 -13.80 5.57
C GLN A 186 5.64 -13.25 4.62
N TYR A 187 4.96 -12.18 5.02
CA TYR A 187 3.93 -11.59 4.17
C TYR A 187 4.53 -10.89 2.96
N VAL A 188 5.51 -10.02 3.17
CA VAL A 188 6.06 -9.25 2.07
C VAL A 188 7.02 -10.06 1.21
N GLY A 189 7.54 -11.17 1.72
CA GLY A 189 8.40 -12.04 0.93
C GLY A 189 9.83 -11.59 0.80
N LEU A 190 10.31 -10.80 1.76
CA LEU A 190 11.61 -10.15 1.68
C LEU A 190 12.26 -10.17 3.06
N ASP A 191 13.59 -10.10 3.06
CA ASP A 191 14.35 -9.82 4.27
C ASP A 191 14.24 -8.32 4.55
N VAL A 192 13.78 -7.96 5.74
CA VAL A 192 13.44 -6.59 6.09
C VAL A 192 14.26 -6.21 7.32
N PRO A 193 14.94 -5.07 7.33
CA PRO A 193 15.72 -4.70 8.52
C PRO A 193 14.79 -4.52 9.71
N ARG A 194 15.19 -5.08 10.84
CA ARG A 194 14.45 -4.83 12.07
C ARG A 194 14.99 -3.60 12.81
N GLY A 195 14.11 -2.97 13.58
CA GLY A 195 14.51 -1.85 14.40
C GLY A 195 14.40 -0.51 13.71
N LEU A 196 15.11 0.47 14.28
CA LEU A 196 15.05 1.86 13.83
C LEU A 196 16.13 2.10 12.77
N ASN A 197 15.68 2.34 11.54
CA ASN A 197 16.58 2.72 10.47
C ASN A 197 16.76 4.24 10.53
N GLU A 198 17.95 4.72 10.16
CA GLU A 198 18.30 6.13 10.34
C GLU A 198 18.55 6.82 9.00
N GLU A 199 17.97 8.02 8.84
CA GLU A 199 18.27 8.89 7.71
C GLU A 199 18.04 10.33 8.12
N GLY A 200 19.11 11.11 8.26
CA GLY A 200 18.95 12.52 8.59
C GLY A 200 18.28 12.72 9.93
N SER A 201 17.30 13.62 9.97
CA SER A 201 16.57 13.92 11.19
C SER A 201 15.44 12.95 11.46
N TYR A 202 15.44 11.79 10.81
CA TYR A 202 14.36 10.83 11.01
C TYR A 202 14.92 9.46 11.31
N ASN A 203 14.15 8.70 12.07
CA ASN A 203 14.32 7.27 12.11
CA ASN A 203 14.28 7.26 12.23
C ASN A 203 12.98 6.63 11.78
N TYR A 204 13.02 5.35 11.43
CA TYR A 204 11.78 4.75 10.95
C TYR A 204 11.87 3.25 11.08
N GLU A 205 10.72 2.64 11.34
CA GLU A 205 10.61 1.20 11.60
C GLU A 205 9.47 0.62 10.78
N TYR A 206 9.74 -0.50 10.12
CA TYR A 206 8.72 -1.17 9.31
C TYR A 206 7.86 -2.05 10.20
N THR A 207 6.54 -1.90 10.10
CA THR A 207 5.61 -2.66 10.92
C THR A 207 4.46 -3.22 10.08
N MET A 208 3.80 -4.25 10.63
CA MET A 208 2.61 -4.87 10.04
C MET A 208 1.55 -5.06 11.12
N TRP A 209 0.29 -4.79 10.76
CA TRP A 209 -0.86 -4.87 11.65
C TRP A 209 -1.97 -5.64 10.97
N GLU A 210 -2.65 -6.48 11.73
CA GLU A 210 -3.83 -7.15 11.21
C GLU A 210 -5.01 -6.76 12.08
N LYS A 211 -6.21 -7.14 11.64
CA LYS A 211 -7.40 -6.73 12.39
C LYS A 211 -7.49 -7.45 13.74
N ALA A 212 -7.98 -6.73 14.76
CA ALA A 212 -8.16 -7.32 16.09
C ALA A 212 -9.44 -8.11 16.10
PA NDP B . -5.23 11.29 -3.27
O1A NDP B . -5.82 10.67 -2.05
O2A NDP B . -4.10 10.64 -3.98
O5B NDP B . -6.35 11.49 -4.47
C5B NDP B . -7.39 12.34 -4.06
C4B NDP B . -8.43 12.26 -5.19
O4B NDP B . -9.04 10.99 -5.16
C3B NDP B . -9.57 13.30 -5.03
O3B NDP B . -9.21 14.54 -5.58
C2B NDP B . -10.64 12.67 -5.91
O2B NDP B . -10.52 13.01 -7.21
C1B NDP B . -10.34 11.11 -5.72
N9A NDP B . -11.32 10.52 -4.80
C8A NDP B . -11.72 11.00 -3.52
N7A NDP B . -12.67 10.24 -2.96
C5A NDP B . -12.91 9.23 -3.90
C6A NDP B . -13.79 8.13 -3.89
N6A NDP B . -14.61 7.96 -2.80
N1A NDP B . -13.86 7.24 -4.94
C2A NDP B . -13.00 7.56 -5.96
N3A NDP B . -12.12 8.56 -6.11
C4A NDP B . -12.09 9.39 -5.05
O3 NDP B . -4.78 12.88 -3.01
PN NDP B . -4.55 13.61 -1.64
O1N NDP B . -4.26 15.01 -2.04
O2N NDP B . -5.54 13.25 -0.56
O5D NDP B . -3.11 12.95 -0.95
C5D NDP B . -2.02 13.73 -1.19
C4D NDP B . -1.23 13.63 0.05
O4D NDP B . -1.00 12.22 0.32
C3D NDP B . 0.15 14.32 -0.07
O3D NDP B . 0.33 15.06 1.12
C2D NDP B . 1.08 13.12 -0.08
O2D NDP B . 2.35 13.40 0.51
C1D NDP B . 0.29 12.16 0.87
N1N NDP B . 0.84 10.80 0.78
C2N NDP B . 1.35 10.22 1.91
C3N NDP B . 1.96 9.01 1.87
C7N NDP B . 2.47 8.46 3.12
O7N NDP B . 3.05 7.38 3.18
N7N NDP B . 2.30 9.22 4.27
C4N NDP B . 2.09 8.20 0.61
C5N NDP B . 1.46 8.91 -0.54
C6N NDP B . 0.89 10.10 -0.44
P2B NDP B . -12.07 13.00 -8.08
O1X NDP B . -12.66 14.27 -7.56
O2X NDP B . -12.79 11.72 -7.67
O3X NDP B . -11.48 13.06 -9.46
C1 EDO C . 2.10 13.18 13.82
O1 EDO C . 2.04 14.36 13.03
C2 EDO C . 2.71 13.54 15.14
O2 EDO C . 3.52 14.71 15.01
C1 EDO D . 8.45 -5.41 12.08
O1 EDO D . 9.79 -4.87 12.17
C2 EDO D . 8.01 -6.01 13.39
O2 EDO D . 7.78 -5.01 14.36
N NO3 E . 8.54 2.17 -7.28
O1 NO3 E . 7.72 1.71 -6.46
O2 NO3 E . 8.57 1.72 -8.47
O3 NO3 E . 9.35 3.09 -6.94
#